data_8H9R
#
_entry.id   8H9R
#
_cell.length_a   1.00
_cell.length_b   1.00
_cell.length_c   1.00
_cell.angle_alpha   90.00
_cell.angle_beta   90.00
_cell.angle_gamma   90.00
#
_symmetry.space_group_name_H-M   'P 1'
#
loop_
_entity.id
_entity.type
_entity.pdbx_description
1 polymer 'ATP synthase F(0) complex subunit B1, mitochondrial'
2 polymer 'ATP synthase-coupling factor 6, mitochondrial'
3 polymer 'ATP synthase subunit d, mitochondrial'
#
loop_
_entity_poly.entity_id
_entity_poly.type
_entity_poly.pdbx_seq_one_letter_code
_entity_poly.pdbx_strand_id
1 'polypeptide(L)'
;PVPPLPEYGGKVRYGLIPEEFFQFLYPKTGVTGPYVLGTGLILYALSKEIYVISAETFTALSVLGVMVYGIKKYGPFVAD
FADKLNEQKLAQLEEAKQASIQHIQNAIDTEKSQQALVQKRHYLFDVQRNNIAMALEVTYRERLYRVYKEVKNRLDYHIS
VQNMMRRKEQEHMINWVEKHVVQSISTQQEKETIAKCIADLKLLAKKAQAQPVM
;
K
2 'polypeptide(L)'
;MILQRLFRFSSVIRSAVSVHLRRNIGVTAVAFNKELDPIQKLFVDKIREYKSKRQTSGGPVDASSEYQQELERELFKLKQ
MFGNADMNTFPTFKFEDPKFEVIEKPQA
;
L
3 'polypeptide(L)'
;AGRKLALKTIDWVAFAEIIPQNQKAIASSLKSWNETLTSRLAALPENPPAIDWAYYKANVAKAGLVDDFEKKFNALKVPV
PEDKYTAQVDAEEKEDVKSCAEWVSLSKARIVEYEKEMEKMKNLIPFDQMTIEDLNEAFPETKLDKKKYPYWPHQPIENL
;
M
#
# COMPACT_ATOMS: atom_id res chain seq x y z
N PRO A 3 25.76 -38.76 32.70
CA PRO A 3 25.72 -40.14 33.20
C PRO A 3 24.50 -40.34 34.09
N PRO A 4 23.51 -41.09 33.60
CA PRO A 4 22.23 -41.16 34.30
C PRO A 4 22.36 -41.87 35.63
N LEU A 5 21.29 -41.81 36.41
CA LEU A 5 21.23 -42.56 37.65
C LEU A 5 20.57 -43.90 37.42
N PRO A 6 21.16 -44.97 37.90
CA PRO A 6 20.44 -46.24 37.93
C PRO A 6 19.17 -46.04 38.74
N GLU A 7 18.10 -46.74 38.38
CA GLU A 7 16.81 -46.45 38.97
C GLU A 7 16.75 -46.73 40.46
N TYR A 8 17.12 -47.92 40.89
CA TYR A 8 16.85 -48.37 42.25
C TYR A 8 18.13 -48.50 43.06
N GLY A 9 17.96 -48.98 44.29
CA GLY A 9 19.02 -48.94 45.27
C GLY A 9 19.86 -50.19 45.34
N GLY A 10 19.73 -50.94 46.42
CA GLY A 10 20.49 -52.16 46.59
C GLY A 10 19.68 -53.29 47.14
N LYS A 11 18.40 -53.02 47.44
CA LYS A 11 17.49 -54.00 48.05
C LYS A 11 18.02 -54.49 49.40
N VAL A 12 18.09 -53.55 50.34
CA VAL A 12 18.45 -53.91 51.70
C VAL A 12 17.21 -54.37 52.46
N ARG A 13 17.42 -55.18 53.47
CA ARG A 13 16.35 -55.72 54.29
C ARG A 13 16.45 -55.17 55.69
N TYR A 14 15.32 -54.76 56.25
CA TYR A 14 15.25 -54.18 57.58
C TYR A 14 16.11 -52.93 57.70
N GLY A 15 16.59 -52.43 56.57
CA GLY A 15 17.51 -51.32 56.58
C GLY A 15 18.85 -51.69 57.18
N LEU A 16 19.07 -52.97 57.39
CA LEU A 16 20.32 -53.37 58.01
C LEU A 16 21.12 -54.37 57.18
N ILE A 17 20.44 -55.29 56.47
CA ILE A 17 21.12 -56.32 55.70
C ILE A 17 20.70 -56.22 54.24
N PRO A 18 21.63 -56.22 53.30
CA PRO A 18 21.25 -56.26 51.88
C PRO A 18 20.85 -57.66 51.46
N GLU A 19 20.00 -57.70 50.42
CA GLU A 19 19.52 -58.97 49.92
C GLU A 19 20.66 -59.83 49.38
N GLU A 20 21.79 -59.22 49.04
CA GLU A 20 22.93 -59.98 48.53
C GLU A 20 23.34 -61.06 49.51
N PHE A 21 23.27 -60.78 50.81
CA PHE A 21 23.66 -61.77 51.80
C PHE A 21 22.70 -62.95 51.81
N PHE A 22 21.40 -62.67 51.74
CA PHE A 22 20.42 -63.75 51.77
C PHE A 22 20.54 -64.64 50.55
N GLN A 23 20.65 -64.06 49.35
CA GLN A 23 20.85 -64.89 48.17
C GLN A 23 22.21 -65.57 48.22
N PHE A 24 23.19 -64.93 48.89
CA PHE A 24 24.51 -65.49 49.08
C PHE A 24 24.45 -66.79 49.84
N LEU A 25 23.62 -66.85 50.86
CA LEU A 25 23.45 -68.06 51.65
C LEU A 25 22.38 -69.00 51.12
N TYR A 26 21.53 -68.53 50.20
CA TYR A 26 20.37 -69.28 49.73
C TYR A 26 20.69 -70.70 49.28
N PRO A 27 21.59 -70.91 48.33
CA PRO A 27 21.83 -72.29 47.86
C PRO A 27 22.44 -73.17 48.91
N LYS A 28 22.92 -72.61 50.02
CA LYS A 28 23.55 -73.41 51.06
C LYS A 28 22.64 -73.72 52.23
N THR A 29 21.86 -72.75 52.73
CA THR A 29 20.92 -73.06 53.80
C THR A 29 19.58 -72.35 53.57
N GLY A 30 19.51 -71.48 52.57
CA GLY A 30 18.22 -70.94 52.18
C GLY A 30 17.48 -70.19 53.27
N VAL A 31 16.15 -70.36 53.25
CA VAL A 31 15.26 -69.56 54.08
C VAL A 31 15.48 -69.73 55.58
N THR A 32 16.27 -70.71 55.98
CA THR A 32 16.53 -70.93 57.40
C THR A 32 17.93 -70.50 57.81
N GLY A 33 18.78 -70.11 56.87
CA GLY A 33 20.14 -69.74 57.18
C GLY A 33 20.27 -68.47 58.00
N PRO A 34 19.90 -67.33 57.41
CA PRO A 34 20.21 -66.06 58.05
C PRO A 34 19.53 -65.88 59.39
N TYR A 35 18.25 -66.24 59.50
CA TYR A 35 17.55 -66.09 60.76
C TYR A 35 18.26 -66.86 61.87
N VAL A 36 18.65 -68.09 61.58
CA VAL A 36 19.32 -68.92 62.58
C VAL A 36 20.68 -68.34 62.92
N LEU A 37 21.44 -67.91 61.92
CA LEU A 37 22.73 -67.31 62.23
C LEU A 37 22.56 -66.09 63.11
N GLY A 38 21.55 -65.26 62.82
CA GLY A 38 21.34 -64.07 63.61
C GLY A 38 20.97 -64.39 65.05
N THR A 39 19.99 -65.28 65.23
CA THR A 39 19.56 -65.58 66.59
C THR A 39 20.69 -66.25 67.36
N GLY A 40 21.43 -67.16 66.72
CA GLY A 40 22.56 -67.77 67.40
C GLY A 40 23.58 -66.74 67.83
N LEU A 41 23.91 -65.81 66.94
CA LEU A 41 24.91 -64.82 67.28
C LEU A 41 24.44 -63.91 68.40
N ILE A 42 23.16 -63.50 68.38
CA ILE A 42 22.70 -62.58 69.40
C ILE A 42 22.63 -63.28 70.75
N LEU A 43 22.18 -64.53 70.76
CA LEU A 43 22.19 -65.27 72.01
C LEU A 43 23.60 -65.47 72.51
N TYR A 44 24.56 -65.69 71.61
CA TYR A 44 25.95 -65.73 72.03
C TYR A 44 26.36 -64.44 72.70
N ALA A 45 26.22 -63.32 71.98
CA ALA A 45 26.71 -62.05 72.47
C ALA A 45 26.02 -61.63 73.76
N LEU A 46 24.79 -62.10 73.96
CA LEU A 46 24.13 -61.94 75.25
C LEU A 46 24.85 -62.76 76.31
N SER A 47 24.93 -64.07 76.08
CA SER A 47 25.28 -64.99 77.15
C SER A 47 26.70 -64.84 77.63
N LYS A 48 27.67 -64.74 76.73
CA LYS A 48 29.06 -64.82 77.11
C LYS A 48 29.63 -63.48 77.55
N GLU A 49 28.78 -62.58 78.06
CA GLU A 49 29.19 -61.25 78.48
C GLU A 49 29.88 -60.51 77.33
N ILE A 50 29.59 -60.94 76.10
CA ILE A 50 30.04 -60.19 74.95
C ILE A 50 29.38 -58.83 74.92
N TYR A 51 28.05 -58.79 74.97
CA TYR A 51 27.31 -57.53 75.01
C TYR A 51 26.84 -57.29 76.44
N VAL A 52 27.29 -56.20 77.04
CA VAL A 52 26.88 -55.84 78.39
C VAL A 52 25.48 -55.25 78.31
N ILE A 53 24.63 -55.61 79.26
CA ILE A 53 23.32 -54.99 79.34
C ILE A 53 23.31 -53.97 80.46
N SER A 54 23.07 -52.71 80.11
CA SER A 54 23.09 -51.65 81.09
C SER A 54 22.05 -50.61 80.67
N ALA A 55 22.14 -49.42 81.25
CA ALA A 55 21.25 -48.35 80.84
C ALA A 55 21.35 -48.09 79.35
N GLU A 56 22.53 -48.27 78.76
CA GLU A 56 22.70 -48.08 77.33
C GLU A 56 21.69 -48.89 76.51
N THR A 57 21.29 -50.06 76.99
CA THR A 57 20.24 -50.80 76.29
C THR A 57 18.93 -50.03 76.32
N PHE A 58 18.51 -49.56 77.50
CA PHE A 58 17.36 -48.68 77.59
C PHE A 58 17.44 -47.55 76.56
N THR A 59 18.55 -46.84 76.55
CA THR A 59 18.72 -45.74 75.60
C THR A 59 18.57 -46.22 74.17
N ALA A 60 19.45 -47.10 73.72
CA ALA A 60 19.49 -47.46 72.32
C ALA A 60 18.18 -48.08 71.87
N LEU A 61 17.46 -48.77 72.76
CA LEU A 61 16.16 -49.26 72.36
C LEU A 61 15.19 -48.12 72.18
N SER A 62 15.20 -47.13 73.08
CA SER A 62 14.34 -45.98 72.85
C SER A 62 14.66 -45.34 71.51
N VAL A 63 15.95 -45.24 71.17
CA VAL A 63 16.33 -44.51 69.97
C VAL A 63 15.98 -45.29 68.72
N LEU A 64 16.25 -46.60 68.72
CA LEU A 64 15.78 -47.43 67.63
C LEU A 64 14.28 -47.32 67.46
N GLY A 65 13.53 -47.26 68.57
CA GLY A 65 12.09 -47.14 68.46
C GLY A 65 11.68 -45.82 67.83
N VAL A 66 12.25 -44.72 68.31
CA VAL A 66 11.97 -43.43 67.71
C VAL A 66 12.26 -43.46 66.22
N MET A 67 13.41 -44.03 65.84
CA MET A 67 13.83 -43.92 64.45
C MET A 67 13.01 -44.82 63.54
N VAL A 68 12.62 -46.00 64.01
CA VAL A 68 11.74 -46.85 63.21
C VAL A 68 10.40 -46.18 63.02
N TYR A 69 9.83 -45.64 64.10
CA TYR A 69 8.58 -44.92 63.94
C TYR A 69 8.76 -43.73 63.00
N GLY A 70 9.90 -43.08 63.08
CA GLY A 70 10.15 -41.93 62.24
C GLY A 70 10.14 -42.28 60.76
N ILE A 71 10.95 -43.25 60.39
CA ILE A 71 10.97 -43.60 58.96
C ILE A 71 9.61 -44.11 58.54
N LYS A 72 9.05 -45.06 59.29
CA LYS A 72 7.78 -45.67 58.89
C LYS A 72 6.67 -44.64 58.77
N LYS A 73 6.78 -43.52 59.49
CA LYS A 73 5.72 -42.54 59.32
C LYS A 73 6.07 -41.49 58.28
N TYR A 74 7.16 -40.76 58.47
CA TYR A 74 7.48 -39.63 57.62
C TYR A 74 8.42 -40.00 56.49
N GLY A 75 8.38 -41.25 56.02
CA GLY A 75 9.17 -41.61 54.87
C GLY A 75 8.52 -41.20 53.58
N PRO A 76 7.32 -41.70 53.32
CA PRO A 76 6.64 -41.31 52.09
C PRO A 76 6.58 -39.82 51.87
N PHE A 77 6.39 -39.02 52.91
CA PHE A 77 6.32 -37.58 52.69
C PHE A 77 7.61 -37.03 52.14
N VAL A 78 8.75 -37.41 52.73
CA VAL A 78 10.01 -36.86 52.22
C VAL A 78 10.34 -37.46 50.87
N ALA A 79 9.97 -38.72 50.64
CA ALA A 79 10.17 -39.30 49.32
C ALA A 79 9.45 -38.48 48.26
N ASP A 80 8.15 -38.28 48.45
CA ASP A 80 7.37 -37.57 47.45
C ASP A 80 7.73 -36.09 47.38
N PHE A 81 8.24 -35.52 48.48
CA PHE A 81 8.74 -34.16 48.39
C PHE A 81 9.99 -34.10 47.54
N ALA A 82 10.90 -35.05 47.72
CA ALA A 82 12.06 -35.12 46.86
C ALA A 82 11.64 -35.21 45.40
N ASP A 83 10.72 -36.11 45.10
CA ASP A 83 10.34 -36.29 43.71
C ASP A 83 9.57 -35.08 43.19
N LYS A 84 8.83 -34.39 44.06
CA LYS A 84 8.25 -33.12 43.69
C LYS A 84 9.32 -32.15 43.24
N LEU A 85 10.35 -31.97 44.07
CA LEU A 85 11.42 -31.03 43.72
C LEU A 85 12.04 -31.39 42.39
N ASN A 86 12.34 -32.67 42.19
CA ASN A 86 12.96 -33.08 40.94
C ASN A 86 12.07 -32.79 39.74
N GLU A 87 10.83 -33.28 39.76
CA GLU A 87 9.97 -33.10 38.60
C GLU A 87 9.70 -31.63 38.35
N GLN A 88 9.59 -30.84 39.41
CA GLN A 88 9.30 -29.43 39.24
C GLN A 88 10.46 -28.72 38.57
N LYS A 89 11.68 -28.94 39.07
CA LYS A 89 12.85 -28.38 38.42
C LYS A 89 12.91 -28.81 36.96
N LEU A 90 12.55 -30.06 36.68
CA LEU A 90 12.60 -30.55 35.31
C LEU A 90 11.57 -29.84 34.42
N ALA A 91 10.34 -29.72 34.90
CA ALA A 91 9.33 -29.02 34.13
C ALA A 91 9.75 -27.59 33.88
N GLN A 92 10.30 -26.92 34.88
CA GLN A 92 10.74 -25.55 34.66
C GLN A 92 11.81 -25.48 33.60
N LEU A 93 12.74 -26.43 33.59
CA LEU A 93 13.77 -26.39 32.57
C LEU A 93 13.18 -26.64 31.19
N GLU A 94 12.21 -27.55 31.09
CA GLU A 94 11.57 -27.78 29.80
C GLU A 94 10.88 -26.52 29.30
N GLU A 95 10.25 -25.77 30.21
CA GLU A 95 9.57 -24.56 29.77
C GLU A 95 10.56 -23.48 29.37
N ALA A 96 11.69 -23.38 30.06
CA ALA A 96 12.73 -22.48 29.59
C ALA A 96 13.17 -22.83 28.18
N LYS A 97 13.35 -24.12 27.91
CA LYS A 97 13.79 -24.56 26.59
C LYS A 97 12.76 -24.21 25.52
N GLN A 98 11.51 -24.60 25.74
CA GLN A 98 10.46 -24.29 24.76
C GLN A 98 10.34 -22.80 24.54
N ALA A 99 10.40 -22.01 25.61
CA ALA A 99 10.24 -20.57 25.47
C ALA A 99 11.39 -19.98 24.67
N SER A 100 12.61 -20.46 24.89
CA SER A 100 13.72 -19.94 24.09
C SER A 100 13.57 -20.31 22.62
N ILE A 101 13.20 -21.56 22.35
CA ILE A 101 12.98 -21.98 20.98
C ILE A 101 11.94 -21.10 20.31
N GLN A 102 10.82 -20.87 20.99
CA GLN A 102 9.76 -20.06 20.42
C GLN A 102 10.21 -18.62 20.21
N HIS A 103 10.99 -18.09 21.14
CA HIS A 103 11.50 -16.73 20.98
C HIS A 103 12.31 -16.61 19.71
N ILE A 104 13.22 -17.54 19.49
CA ILE A 104 14.06 -17.43 18.30
C ILE A 104 13.24 -17.69 17.04
N GLN A 105 12.24 -18.57 17.12
CA GLN A 105 11.39 -18.79 15.96
C GLN A 105 10.64 -17.53 15.58
N ASN A 106 10.11 -16.80 16.57
CA ASN A 106 9.48 -15.52 16.30
C ASN A 106 10.45 -14.56 15.65
N ALA A 107 11.69 -14.52 16.15
CA ALA A 107 12.69 -13.66 15.53
C ALA A 107 12.86 -14.00 14.05
N ILE A 108 12.92 -15.30 13.74
CA ILE A 108 13.12 -15.73 12.35
C ILE A 108 11.94 -15.29 11.49
N ASP A 109 10.72 -15.51 11.97
CA ASP A 109 9.56 -15.17 11.17
C ASP A 109 9.47 -13.66 10.94
N THR A 110 9.85 -12.88 11.96
CA THR A 110 9.84 -11.43 11.79
C THR A 110 10.87 -10.98 10.76
N GLU A 111 12.05 -11.59 10.79
CA GLU A 111 13.03 -11.25 9.75
C GLU A 111 12.52 -11.62 8.36
N LYS A 112 11.82 -12.74 8.25
CA LYS A 112 11.24 -13.11 6.96
C LYS A 112 10.20 -12.08 6.53
N SER A 113 9.42 -11.56 7.46
CA SER A 113 8.47 -10.50 7.13
C SER A 113 9.20 -9.27 6.63
N GLN A 114 10.29 -8.88 7.31
CA GLN A 114 11.13 -7.79 6.81
C GLN A 114 11.54 -8.03 5.37
N GLN A 115 11.97 -9.26 5.06
CA GLN A 115 12.36 -9.59 3.70
C GLN A 115 11.21 -9.36 2.73
N ALA A 116 10.02 -9.86 3.07
CA ALA A 116 8.88 -9.71 2.18
C ALA A 116 8.59 -8.24 1.90
N LEU A 117 8.59 -7.41 2.95
CA LEU A 117 8.22 -6.01 2.75
C LEU A 117 9.27 -5.28 1.92
N VAL A 118 10.53 -5.37 2.32
CA VAL A 118 11.57 -4.67 1.57
C VAL A 118 11.66 -5.22 0.15
N GLN A 119 11.17 -6.45 -0.07
CA GLN A 119 10.97 -6.91 -1.43
C GLN A 119 9.87 -6.12 -2.12
N LYS A 120 8.73 -5.96 -1.45
CA LYS A 120 7.60 -5.19 -1.95
C LYS A 120 7.95 -3.76 -2.31
N ARG A 121 9.09 -3.27 -1.81
CA ARG A 121 9.44 -1.84 -1.91
C ARG A 121 9.07 -1.17 -3.23
N HIS A 122 9.24 -1.86 -4.38
CA HIS A 122 9.31 -1.18 -5.68
C HIS A 122 8.01 -0.50 -6.12
N TYR A 123 6.92 -0.72 -5.41
CA TYR A 123 5.70 0.00 -5.75
C TYR A 123 5.91 1.50 -5.70
N LEU A 124 6.80 1.97 -4.83
CA LEU A 124 7.09 3.39 -4.77
C LEU A 124 7.54 3.92 -6.12
N PHE A 125 8.57 3.31 -6.67
CA PHE A 125 9.12 3.77 -7.94
C PHE A 125 8.12 3.61 -9.08
N ASP A 126 7.34 2.52 -9.09
CA ASP A 126 6.40 2.44 -10.21
C ASP A 126 5.26 3.44 -10.07
N VAL A 127 4.89 3.84 -8.84
CA VAL A 127 3.92 4.92 -8.68
C VAL A 127 4.47 6.22 -9.22
N GLN A 128 5.73 6.51 -8.89
CA GLN A 128 6.36 7.70 -9.45
C GLN A 128 6.31 7.69 -10.98
N ARG A 129 6.70 6.56 -11.58
CA ARG A 129 6.64 6.42 -13.03
C ARG A 129 5.24 6.67 -13.56
N ASN A 130 4.25 6.07 -12.93
CA ASN A 130 2.86 6.25 -13.34
C ASN A 130 2.50 7.72 -13.36
N ASN A 131 2.79 8.42 -12.26
CA ASN A 131 2.43 9.83 -12.19
C ASN A 131 3.14 10.63 -13.28
N ILE A 132 4.41 10.31 -13.54
CA ILE A 132 5.14 11.04 -14.57
C ILE A 132 4.45 10.90 -15.91
N ALA A 133 4.25 9.65 -16.36
CA ALA A 133 3.69 9.43 -17.68
C ALA A 133 2.29 10.02 -17.79
N MET A 134 1.50 9.87 -16.73
CA MET A 134 0.14 10.38 -16.77
C MET A 134 0.14 11.90 -16.89
N ALA A 135 0.96 12.58 -16.09
CA ALA A 135 1.04 14.03 -16.19
C ALA A 135 1.47 14.47 -17.57
N LEU A 136 2.45 13.76 -18.14
CA LEU A 136 2.94 14.16 -19.46
C LEU A 136 1.83 14.06 -20.50
N GLU A 137 1.16 12.90 -20.56
CA GLU A 137 0.12 12.73 -21.58
C GLU A 137 -1.04 13.67 -21.33
N VAL A 138 -1.31 13.99 -20.07
CA VAL A 138 -2.34 14.96 -19.75
C VAL A 138 -1.98 16.31 -20.34
N THR A 139 -0.74 16.76 -20.12
CA THR A 139 -0.31 18.04 -20.68
C THR A 139 -0.43 18.04 -22.19
N TYR A 140 -0.03 16.94 -22.83
CA TYR A 140 -0.08 16.89 -24.28
C TYR A 140 -1.51 16.99 -24.79
N ARG A 141 -2.42 16.19 -24.22
CA ARG A 141 -3.80 16.22 -24.67
C ARG A 141 -4.43 17.57 -24.36
N GLU A 142 -4.06 18.18 -23.24
CA GLU A 142 -4.53 19.52 -22.96
C GLU A 142 -4.08 20.48 -24.04
N ARG A 143 -2.83 20.34 -24.50
CA ARG A 143 -2.34 21.21 -25.56
C ARG A 143 -3.15 21.02 -26.83
N LEU A 144 -3.42 19.77 -27.19
CA LEU A 144 -4.18 19.52 -28.41
C LEU A 144 -5.60 20.07 -28.31
N TYR A 145 -6.24 19.92 -27.15
CA TYR A 145 -7.59 20.47 -27.07
C TYR A 145 -7.54 21.98 -27.03
N ARG A 146 -6.48 22.55 -26.47
CA ARG A 146 -6.33 24.00 -26.53
C ARG A 146 -6.27 24.48 -27.97
N VAL A 147 -5.46 23.83 -28.80
CA VAL A 147 -5.32 24.29 -30.18
C VAL A 147 -6.61 24.08 -30.95
N TYR A 148 -7.26 22.92 -30.77
CA TYR A 148 -8.50 22.66 -31.48
C TYR A 148 -9.58 23.65 -31.03
N LYS A 149 -9.60 23.95 -29.73
CA LYS A 149 -10.56 24.90 -29.19
C LYS A 149 -10.37 26.29 -29.78
N GLU A 150 -9.12 26.76 -29.85
CA GLU A 150 -8.91 28.12 -30.34
C GLU A 150 -9.19 28.23 -31.82
N VAL A 151 -8.81 27.21 -32.60
CA VAL A 151 -9.10 27.27 -34.03
C VAL A 151 -10.60 27.19 -34.29
N LYS A 152 -11.27 26.28 -33.57
CA LYS A 152 -12.75 26.18 -33.70
C LYS A 152 -13.35 27.53 -33.32
N ASN A 153 -12.81 28.18 -32.29
CA ASN A 153 -13.36 29.45 -31.82
C ASN A 153 -13.25 30.52 -32.89
N ARG A 154 -12.09 30.65 -33.53
CA ARG A 154 -11.97 31.64 -34.59
C ARG A 154 -12.92 31.33 -35.74
N LEU A 155 -12.99 30.06 -36.14
CA LEU A 155 -13.87 29.68 -37.24
C LEU A 155 -15.32 30.00 -36.93
N ASP A 156 -15.77 29.59 -35.76
CA ASP A 156 -17.17 29.87 -35.33
C ASP A 156 -17.38 31.38 -35.35
N TYR A 157 -16.47 32.13 -34.71
CA TYR A 157 -16.64 33.57 -34.64
C TYR A 157 -16.92 34.15 -36.01
N HIS A 158 -16.09 33.79 -36.99
CA HIS A 158 -16.24 34.36 -38.31
C HIS A 158 -17.56 33.96 -38.94
N ILE A 159 -17.88 32.66 -38.90
CA ILE A 159 -19.13 32.23 -39.52
C ILE A 159 -20.32 32.83 -38.79
N SER A 160 -20.19 33.09 -37.49
CA SER A 160 -21.29 33.62 -36.71
C SER A 160 -21.54 35.07 -37.04
N VAL A 161 -20.49 35.89 -37.09
CA VAL A 161 -20.68 37.28 -37.48
C VAL A 161 -21.22 37.35 -38.89
N GLN A 162 -20.78 36.43 -39.75
CA GLN A 162 -21.29 36.39 -41.12
C GLN A 162 -22.80 36.17 -41.12
N ASN A 163 -23.26 35.14 -40.42
CA ASN A 163 -24.68 34.81 -40.43
C ASN A 163 -25.49 35.89 -39.73
N MET A 164 -24.93 36.51 -38.69
CA MET A 164 -25.64 37.59 -38.03
C MET A 164 -25.81 38.79 -38.94
N MET A 165 -24.79 39.14 -39.72
CA MET A 165 -24.94 40.20 -40.70
C MET A 165 -25.99 39.80 -41.73
N ARG A 166 -25.98 38.54 -42.15
CA ARG A 166 -27.03 38.06 -43.04
C ARG A 166 -28.41 38.34 -42.45
N ARG A 167 -28.60 37.98 -41.18
CA ARG A 167 -29.90 38.18 -40.54
C ARG A 167 -30.28 39.65 -40.51
N LYS A 168 -29.36 40.50 -40.07
CA LYS A 168 -29.67 41.93 -39.94
C LYS A 168 -29.99 42.56 -41.28
N GLU A 169 -29.17 42.27 -42.30
CA GLU A 169 -29.43 42.81 -43.62
C GLU A 169 -30.75 42.30 -44.17
N GLN A 170 -31.06 41.01 -43.96
CA GLN A 170 -32.30 40.46 -44.48
C GLN A 170 -33.51 41.11 -43.83
N GLU A 171 -33.50 41.28 -42.51
CA GLU A 171 -34.63 41.93 -41.86
C GLU A 171 -34.74 43.39 -42.27
N HIS A 172 -33.60 44.06 -42.41
CA HIS A 172 -33.66 45.44 -42.88
C HIS A 172 -34.24 45.51 -44.27
N MET A 173 -33.91 44.55 -45.12
CA MET A 173 -34.39 44.57 -46.49
C MET A 173 -35.90 44.36 -46.53
N ILE A 174 -36.40 43.40 -45.73
CA ILE A 174 -37.83 43.15 -45.77
C ILE A 174 -38.59 44.34 -45.18
N ASN A 175 -38.05 44.98 -44.13
CA ASN A 175 -38.77 46.15 -43.64
C ASN A 175 -38.68 47.32 -44.62
N TRP A 176 -37.54 47.49 -45.28
CA TRP A 176 -37.45 48.48 -46.34
C TRP A 176 -38.53 48.26 -47.39
N VAL A 177 -38.66 47.03 -47.88
CA VAL A 177 -39.59 46.82 -48.97
C VAL A 177 -41.02 47.03 -48.49
N GLU A 178 -41.33 46.68 -47.24
CA GLU A 178 -42.68 46.95 -46.77
C GLU A 178 -42.95 48.45 -46.70
N LYS A 179 -42.05 49.22 -46.09
CA LYS A 179 -42.32 50.65 -45.99
C LYS A 179 -42.11 51.37 -47.30
N HIS A 180 -41.59 50.70 -48.32
CA HIS A 180 -41.42 51.32 -49.62
C HIS A 180 -42.55 51.06 -50.58
N VAL A 181 -43.13 49.85 -50.58
CA VAL A 181 -44.26 49.57 -51.45
C VAL A 181 -45.46 50.47 -51.15
N VAL A 182 -45.52 51.04 -49.94
CA VAL A 182 -46.73 51.73 -49.50
C VAL A 182 -47.05 52.92 -50.39
N GLN A 183 -46.05 53.74 -50.72
CA GLN A 183 -46.28 54.97 -51.46
C GLN A 183 -46.94 54.74 -52.80
N SER A 184 -46.81 53.54 -53.37
CA SER A 184 -47.48 53.24 -54.63
C SER A 184 -48.86 52.63 -54.37
N THR A 193 -55.10 54.14 -59.16
CA THR A 193 -55.59 53.11 -60.06
C THR A 193 -56.78 52.38 -59.45
N ILE A 194 -57.97 52.62 -60.01
CA ILE A 194 -59.18 51.92 -59.56
C ILE A 194 -59.23 50.50 -60.12
N ALA A 195 -58.20 50.08 -60.84
CA ALA A 195 -58.16 48.72 -61.36
C ALA A 195 -58.30 47.71 -60.22
N LYS A 196 -57.67 47.98 -59.08
CA LYS A 196 -57.88 47.12 -57.93
C LYS A 196 -59.33 47.14 -57.46
N CYS A 197 -60.01 48.27 -57.60
CA CYS A 197 -61.42 48.31 -57.23
C CYS A 197 -62.26 47.45 -58.14
N ILE A 198 -61.99 47.52 -59.45
CA ILE A 198 -62.69 46.64 -60.39
C ILE A 198 -62.40 45.19 -60.06
N ALA A 199 -61.17 44.88 -59.69
CA ALA A 199 -60.85 43.53 -59.23
C ALA A 199 -61.62 43.17 -57.97
N ASP A 200 -61.89 44.15 -57.12
CA ASP A 200 -62.67 43.91 -55.92
C ASP A 200 -64.11 43.53 -56.28
N LEU A 201 -64.71 44.29 -57.19
CA LEU A 201 -66.04 43.92 -57.67
C LEU A 201 -66.03 42.56 -58.34
N LYS A 202 -64.94 42.20 -59.01
CA LYS A 202 -64.83 40.88 -59.61
C LYS A 202 -64.82 39.80 -58.55
N LEU A 203 -63.98 39.96 -57.53
CA LEU A 203 -63.89 38.97 -56.46
C LEU A 203 -65.20 38.85 -55.70
N LEU A 204 -65.86 39.97 -55.43
CA LEU A 204 -67.18 39.92 -54.81
C LEU A 204 -68.18 39.20 -55.72
N ALA A 205 -68.11 39.46 -57.03
CA ALA A 205 -68.90 38.67 -57.96
C ALA A 205 -68.57 37.19 -57.85
N LYS A 206 -67.35 36.88 -57.40
CA LYS A 206 -66.98 35.50 -57.14
C LYS A 206 -67.40 35.02 -55.75
N LYS A 207 -68.38 35.67 -55.11
CA LYS A 207 -68.82 35.22 -53.81
C LYS A 207 -69.49 33.85 -53.88
N ALA A 208 -70.62 33.76 -54.57
CA ALA A 208 -71.39 32.52 -54.70
C ALA A 208 -71.76 31.92 -53.35
N GLN B 40 -53.53 41.94 -58.12
CA GLN B 40 -52.71 41.38 -57.05
C GLN B 40 -51.66 42.38 -56.57
N LYS B 41 -51.98 43.05 -55.46
CA LYS B 41 -51.13 44.12 -54.95
C LYS B 41 -49.81 43.56 -54.42
N LEU B 42 -49.88 42.66 -53.45
CA LEU B 42 -48.67 42.16 -52.80
C LEU B 42 -47.83 41.31 -53.75
N PHE B 43 -48.40 40.84 -54.86
CA PHE B 43 -47.60 40.07 -55.80
C PHE B 43 -46.76 40.97 -56.69
N VAL B 44 -47.35 42.06 -57.18
CA VAL B 44 -46.56 43.12 -57.78
C VAL B 44 -45.51 43.60 -56.78
N ASP B 45 -45.91 43.75 -55.53
CA ASP B 45 -44.97 44.07 -54.47
C ASP B 45 -43.80 43.09 -54.45
N LYS B 46 -44.10 41.80 -54.33
CA LYS B 46 -43.05 40.79 -54.22
C LYS B 46 -42.10 40.85 -55.40
N ILE B 47 -42.63 40.86 -56.61
CA ILE B 47 -41.75 40.83 -57.78
C ILE B 47 -40.91 42.10 -57.85
N ARG B 48 -41.56 43.27 -57.78
CA ARG B 48 -40.82 44.54 -57.93
C ARG B 48 -39.80 44.69 -56.80
N GLU B 49 -40.21 44.45 -55.55
CA GLU B 49 -39.32 44.62 -54.42
C GLU B 49 -38.17 43.62 -54.46
N TYR B 50 -38.42 42.40 -54.92
CA TYR B 50 -37.33 41.43 -55.06
C TYR B 50 -36.34 41.89 -56.11
N LYS B 51 -36.84 42.39 -57.25
CA LYS B 51 -35.94 42.88 -58.29
C LYS B 51 -35.20 44.13 -57.82
N SER B 52 -35.82 44.93 -56.96
CA SER B 52 -35.13 46.08 -56.40
C SER B 52 -34.09 45.67 -55.37
N LYS B 53 -34.38 44.62 -54.61
CA LYS B 53 -33.47 44.19 -53.56
C LYS B 53 -32.25 43.50 -54.14
N ARG B 54 -32.46 42.65 -55.14
CA ARG B 54 -31.33 42.10 -55.87
C ARG B 54 -30.52 43.19 -56.55
N GLN B 55 -31.13 44.34 -56.81
CA GLN B 55 -30.38 45.53 -57.17
C GLN B 55 -29.74 46.11 -55.92
N THR B 56 -28.65 45.47 -55.48
CA THR B 56 -27.87 45.98 -54.36
C THR B 56 -26.38 45.94 -54.67
N SER B 57 -26.04 45.55 -55.91
CA SER B 57 -24.66 45.62 -56.35
C SER B 57 -24.10 47.02 -56.13
N GLY B 58 -24.95 48.03 -56.32
CA GLY B 58 -24.58 49.40 -56.02
C GLY B 58 -24.75 49.80 -54.57
N GLY B 59 -25.57 49.09 -53.80
CA GLY B 59 -25.83 49.45 -52.43
C GLY B 59 -25.22 48.47 -51.45
N PRO B 60 -24.18 48.90 -50.73
CA PRO B 60 -23.51 47.98 -49.79
C PRO B 60 -24.41 47.49 -48.68
N VAL B 61 -25.43 48.28 -48.31
CA VAL B 61 -26.44 47.82 -47.36
C VAL B 61 -27.82 48.18 -47.90
N ASP B 62 -27.89 48.47 -49.21
CA ASP B 62 -29.13 48.68 -49.95
C ASP B 62 -30.00 49.75 -49.28
N ALA B 63 -29.47 50.97 -49.28
CA ALA B 63 -30.20 52.15 -48.80
C ALA B 63 -30.65 51.95 -47.36
N SER B 64 -29.74 51.42 -46.54
CA SER B 64 -30.06 51.22 -45.13
C SER B 64 -30.15 52.56 -44.40
N SER B 65 -29.12 53.40 -44.55
CA SER B 65 -29.09 54.76 -44.04
C SER B 65 -29.13 54.85 -42.52
N GLU B 66 -29.27 53.72 -41.84
CA GLU B 66 -29.30 53.67 -40.37
C GLU B 66 -29.17 52.22 -39.97
N TYR B 67 -29.43 51.94 -38.69
CA TYR B 67 -29.26 50.67 -37.99
C TYR B 67 -27.79 50.40 -37.70
N GLN B 68 -26.88 51.23 -38.17
CA GLN B 68 -25.47 51.10 -37.82
C GLN B 68 -25.25 51.32 -36.34
N GLN B 69 -26.00 52.24 -35.75
CA GLN B 69 -25.85 52.58 -34.33
C GLN B 69 -25.98 51.36 -33.43
N GLU B 70 -26.81 50.40 -33.82
CA GLU B 70 -26.94 49.17 -33.05
C GLU B 70 -26.09 48.04 -33.60
N LEU B 71 -25.85 48.01 -34.91
CA LEU B 71 -25.02 46.97 -35.50
C LEU B 71 -23.61 47.01 -34.94
N GLU B 72 -23.07 48.21 -34.77
CA GLU B 72 -21.75 48.34 -34.17
C GLU B 72 -21.69 47.65 -32.82
N ARG B 73 -22.59 48.01 -31.92
CA ARG B 73 -22.54 47.46 -30.57
C ARG B 73 -22.90 45.98 -30.56
N GLU B 74 -23.69 45.54 -31.54
CA GLU B 74 -24.02 44.12 -31.64
C GLU B 74 -22.78 43.29 -31.93
N LEU B 75 -22.09 43.62 -33.02
CA LEU B 75 -20.85 42.90 -33.30
C LEU B 75 -19.80 43.16 -32.23
N PHE B 76 -19.87 44.30 -31.56
CA PHE B 76 -19.03 44.54 -30.39
C PHE B 76 -19.26 43.48 -29.33
N LYS B 77 -20.51 43.32 -28.91
CA LYS B 77 -20.86 42.30 -27.92
C LYS B 77 -20.42 40.93 -28.38
N LEU B 78 -20.70 40.60 -29.63
CA LEU B 78 -20.37 39.27 -30.14
C LEU B 78 -18.87 39.01 -30.07
N LYS B 79 -18.07 40.00 -30.47
CA LYS B 79 -16.63 39.89 -30.30
C LYS B 79 -16.26 39.70 -28.85
N GLN B 80 -16.50 40.71 -28.01
CA GLN B 80 -15.99 40.68 -26.65
C GLN B 80 -16.70 39.64 -25.80
N MET B 81 -17.45 38.76 -26.49
CA MET B 81 -18.06 37.59 -25.83
C MET B 81 -17.28 36.38 -26.35
N PHE B 82 -16.98 36.34 -27.66
CA PHE B 82 -16.11 35.29 -28.18
C PHE B 82 -14.65 35.47 -27.80
N GLY B 83 -14.22 36.71 -27.56
CA GLY B 83 -12.84 36.92 -27.18
C GLY B 83 -12.49 38.38 -27.28
N ASN B 84 -11.21 38.65 -27.29
CA ASN B 84 -10.76 40.03 -27.39
C ASN B 84 -9.63 40.20 -28.40
N ALA B 85 -8.94 39.13 -28.75
CA ALA B 85 -7.75 39.23 -29.58
C ALA B 85 -8.15 39.50 -31.03
N ASP B 86 -7.16 39.47 -31.92
CA ASP B 86 -7.44 39.57 -33.35
C ASP B 86 -7.99 38.23 -33.83
N MET B 87 -9.31 38.12 -33.88
CA MET B 87 -9.93 36.87 -34.33
C MET B 87 -10.07 36.81 -35.83
N ASN B 88 -9.16 37.46 -36.56
CA ASN B 88 -9.06 37.28 -38.00
C ASN B 88 -7.70 36.79 -38.43
N THR B 89 -6.79 36.53 -37.49
CA THR B 89 -5.47 36.03 -37.81
C THR B 89 -5.31 34.64 -37.20
N PHE B 90 -4.24 33.97 -37.59
CA PHE B 90 -4.03 32.61 -37.11
C PHE B 90 -3.67 32.62 -35.62
N PRO B 91 -4.18 31.68 -34.85
CA PRO B 91 -3.89 31.67 -33.41
C PRO B 91 -2.43 31.30 -33.14
N THR B 92 -1.83 32.02 -32.20
CA THR B 92 -0.52 31.67 -31.68
C THR B 92 -0.70 30.89 -30.38
N PHE B 93 0.35 30.20 -29.95
CA PHE B 93 0.25 29.27 -28.83
C PHE B 93 1.52 29.28 -28.00
N LYS B 94 1.38 29.62 -26.73
CA LYS B 94 2.37 29.27 -25.72
C LYS B 94 1.99 27.91 -25.16
N PHE B 95 2.98 27.18 -24.67
CA PHE B 95 2.73 25.88 -24.07
C PHE B 95 3.39 25.80 -22.71
N GLU B 96 2.58 25.62 -21.67
CA GLU B 96 3.12 25.53 -20.32
C GLU B 96 3.54 24.10 -20.04
N ASP B 97 4.35 23.95 -18.98
CA ASP B 97 4.88 22.61 -18.61
C ASP B 97 4.57 22.37 -17.13
N PRO B 98 4.51 21.11 -16.65
CA PRO B 98 4.10 20.83 -15.28
C PRO B 98 5.13 21.26 -14.24
N LYS B 99 4.67 21.30 -12.99
CA LYS B 99 5.53 21.45 -11.84
C LYS B 99 6.04 20.09 -11.39
N PHE B 100 7.16 20.10 -10.67
CA PHE B 100 7.70 18.84 -10.18
C PHE B 100 8.51 19.07 -8.92
N GLU B 101 8.99 17.97 -8.35
CA GLU B 101 9.42 17.94 -6.96
C GLU B 101 10.67 17.08 -6.81
N VAL B 102 11.24 17.12 -5.61
CA VAL B 102 12.19 16.11 -5.17
C VAL B 102 11.36 14.86 -4.84
N ILE B 103 11.79 13.71 -5.38
CA ILE B 103 11.04 12.48 -5.22
C ILE B 103 11.79 11.45 -4.39
N GLU B 104 13.11 11.44 -4.42
CA GLU B 104 13.88 10.43 -3.71
C GLU B 104 13.80 10.64 -2.20
N LYS B 105 14.26 9.63 -1.46
CA LYS B 105 14.31 9.71 -0.01
C LYS B 105 15.19 10.86 0.41
N PRO B 106 14.70 11.77 1.26
CA PRO B 106 15.44 12.95 1.70
C PRO B 106 16.42 12.63 2.82
N LEU C 5 0.92 4.13 -24.08
CA LEU C 5 0.38 4.14 -22.73
C LEU C 5 0.99 3.04 -21.87
N ALA C 6 2.05 3.38 -21.14
CA ALA C 6 2.76 2.42 -20.30
C ALA C 6 2.48 2.75 -18.83
N LEU C 7 1.48 2.09 -18.26
CA LEU C 7 1.18 2.23 -16.84
C LEU C 7 1.49 0.95 -16.09
N LYS C 8 1.88 1.11 -14.83
CA LYS C 8 2.16 -0.01 -13.95
C LYS C 8 1.03 -0.11 -12.94
N THR C 9 0.26 -1.20 -13.02
CA THR C 9 -0.77 -1.45 -12.03
C THR C 9 -0.14 -1.58 -10.65
N ILE C 10 -0.87 -1.17 -9.62
CA ILE C 10 -0.31 -1.09 -8.27
C ILE C 10 -1.35 -1.55 -7.25
N ASP C 11 -0.88 -2.26 -6.23
CA ASP C 11 -1.57 -2.31 -4.95
C ASP C 11 -1.49 -0.93 -4.32
N TRP C 12 -2.21 -0.75 -3.22
CA TRP C 12 -2.11 0.52 -2.51
C TRP C 12 -1.82 0.36 -1.03
N VAL C 13 -2.33 -0.68 -0.39
CA VAL C 13 -1.92 -0.97 0.97
C VAL C 13 -0.47 -1.42 0.99
N ALA C 14 -0.05 -2.16 -0.04
CA ALA C 14 1.36 -2.51 -0.17
C ALA C 14 2.21 -1.25 -0.29
N PHE C 15 1.72 -0.26 -1.04
CA PHE C 15 2.36 1.04 -1.02
C PHE C 15 2.42 1.60 0.40
N ALA C 16 1.28 1.55 1.10
CA ALA C 16 1.22 2.19 2.41
C ALA C 16 2.20 1.57 3.39
N GLU C 17 2.51 0.28 3.21
CA GLU C 17 3.40 -0.38 4.15
C GLU C 17 4.83 0.15 4.06
N ILE C 18 5.23 0.70 2.92
CA ILE C 18 6.64 0.94 2.65
C ILE C 18 6.95 2.44 2.65
N ILE C 19 6.22 3.21 3.43
CA ILE C 19 6.48 4.64 3.57
C ILE C 19 7.10 4.86 4.95
N PRO C 20 8.41 5.06 5.05
CA PRO C 20 8.99 5.48 6.33
C PRO C 20 8.32 6.74 6.85
N GLN C 21 8.13 6.77 8.17
CA GLN C 21 7.21 7.71 8.79
C GLN C 21 7.63 9.17 8.62
N ASN C 22 8.81 9.45 8.08
CA ASN C 22 9.25 10.83 7.90
C ASN C 22 8.54 11.53 6.76
N GLN C 23 7.99 10.79 5.81
CA GLN C 23 7.46 11.37 4.59
C GLN C 23 6.12 10.72 4.22
N LYS C 24 5.24 10.58 5.21
CA LYS C 24 3.89 10.08 4.91
C LYS C 24 3.09 11.12 4.13
N ALA C 25 3.31 12.40 4.40
CA ALA C 25 2.54 13.45 3.74
C ALA C 25 2.86 13.52 2.26
N ILE C 26 4.15 13.47 1.92
CA ILE C 26 4.55 13.48 0.51
C ILE C 26 3.91 12.31 -0.22
N ALA C 27 3.98 11.12 0.37
CA ALA C 27 3.45 9.93 -0.29
C ALA C 27 1.94 10.01 -0.43
N SER C 28 1.25 10.51 0.60
CA SER C 28 -0.19 10.66 0.50
C SER C 28 -0.56 11.64 -0.60
N SER C 29 0.19 12.75 -0.71
CA SER C 29 -0.02 13.68 -1.80
C SER C 29 0.21 12.99 -3.14
N LEU C 30 1.19 12.09 -3.20
CA LEU C 30 1.44 11.38 -4.44
C LEU C 30 0.27 10.48 -4.80
N LYS C 31 -0.30 9.80 -3.80
CA LYS C 31 -1.48 8.96 -4.06
C LYS C 31 -2.63 9.80 -4.59
N SER C 32 -2.93 10.90 -3.90
CA SER C 32 -3.98 11.81 -4.35
C SER C 32 -3.72 12.29 -5.76
N TRP C 33 -2.48 12.68 -6.03
CA TRP C 33 -2.08 13.08 -7.37
C TRP C 33 -2.38 11.98 -8.37
N ASN C 34 -2.02 10.75 -8.04
CA ASN C 34 -2.31 9.64 -8.94
C ASN C 34 -3.78 9.61 -9.30
N GLU C 35 -4.64 9.67 -8.28
CA GLU C 35 -6.05 9.49 -8.56
C GLU C 35 -6.63 10.68 -9.31
N THR C 36 -6.25 11.90 -8.93
CA THR C 36 -6.75 13.06 -9.64
C THR C 36 -6.27 13.06 -11.09
N LEU C 37 -5.05 12.62 -11.33
CA LEU C 37 -4.57 12.56 -12.70
C LEU C 37 -5.28 11.48 -13.50
N THR C 38 -5.55 10.34 -12.88
CA THR C 38 -6.33 9.32 -13.57
C THR C 38 -7.68 9.88 -13.98
N SER C 39 -8.35 10.54 -13.05
CA SER C 39 -9.65 11.12 -13.37
C SER C 39 -9.52 12.15 -14.48
N ARG C 40 -8.46 12.97 -14.44
CA ARG C 40 -8.28 13.98 -15.48
C ARG C 40 -8.08 13.34 -16.83
N LEU C 41 -7.28 12.29 -16.91
CA LEU C 41 -7.11 11.57 -18.16
C LEU C 41 -8.42 10.97 -18.63
N ALA C 42 -9.23 10.44 -17.73
CA ALA C 42 -10.54 9.96 -18.11
C ALA C 42 -11.45 11.13 -18.47
N ALA C 43 -11.14 12.32 -17.95
CA ALA C 43 -11.97 13.50 -18.14
C ALA C 43 -11.87 14.09 -19.55
N LEU C 44 -11.17 13.41 -20.46
CA LEU C 44 -11.04 13.91 -21.81
C LEU C 44 -10.51 12.84 -22.74
N PRO C 45 -10.95 12.80 -23.99
CA PRO C 45 -10.55 11.73 -24.90
C PRO C 45 -9.10 11.80 -25.32
N GLU C 46 -8.68 10.91 -26.22
CA GLU C 46 -7.28 10.88 -26.62
C GLU C 46 -6.92 12.06 -27.51
N ASN C 47 -7.61 12.20 -28.63
CA ASN C 47 -7.24 13.20 -29.64
C ASN C 47 -8.43 14.12 -29.90
N PRO C 48 -8.19 15.37 -30.28
CA PRO C 48 -9.30 16.26 -30.57
C PRO C 48 -10.00 15.84 -31.84
N PRO C 49 -11.28 16.15 -31.97
CA PRO C 49 -11.93 16.01 -33.29
C PRO C 49 -11.42 17.08 -34.23
N ALA C 50 -10.61 16.70 -35.22
CA ALA C 50 -10.05 17.65 -36.17
C ALA C 50 -11.19 18.29 -36.96
N ILE C 51 -11.14 19.61 -37.10
CA ILE C 51 -12.20 20.34 -37.79
C ILE C 51 -12.25 19.94 -39.25
N ASP C 52 -13.44 19.62 -39.74
CA ASP C 52 -13.62 19.40 -41.16
C ASP C 52 -13.47 20.72 -41.90
N TRP C 53 -13.33 20.65 -43.22
CA TRP C 53 -13.17 21.88 -43.97
C TRP C 53 -14.43 22.22 -44.78
N ALA C 54 -15.17 21.21 -45.24
CA ALA C 54 -16.31 21.45 -46.10
C ALA C 54 -17.34 22.36 -45.43
N TYR C 55 -17.71 22.05 -44.19
CA TYR C 55 -18.64 22.92 -43.47
C TYR C 55 -18.20 24.36 -43.44
N TYR C 56 -16.90 24.62 -43.46
CA TYR C 56 -16.38 25.98 -43.53
C TYR C 56 -15.97 26.38 -44.93
N LYS C 57 -15.65 25.41 -45.78
CA LYS C 57 -15.36 25.69 -47.18
C LYS C 57 -16.56 26.32 -47.88
N ALA C 58 -17.76 25.85 -47.54
CA ALA C 58 -18.98 26.29 -48.20
C ALA C 58 -19.76 27.31 -47.39
N ASN C 59 -19.21 27.76 -46.26
CA ASN C 59 -19.99 28.68 -45.39
C ASN C 59 -19.21 29.96 -45.11
N VAL C 60 -17.88 29.86 -44.92
CA VAL C 60 -17.08 31.03 -44.57
C VAL C 60 -16.68 31.68 -45.88
N ALA C 61 -17.41 32.72 -46.26
CA ALA C 61 -17.18 33.42 -47.51
C ALA C 61 -15.94 34.29 -47.47
N LYS C 62 -15.18 34.23 -46.39
CA LYS C 62 -13.92 34.95 -46.30
C LYS C 62 -12.89 34.30 -47.19
N ALA C 63 -12.06 35.15 -47.81
CA ALA C 63 -11.09 34.67 -48.80
C ALA C 63 -9.84 34.11 -48.13
N GLY C 64 -9.61 32.81 -48.28
CA GLY C 64 -8.37 32.20 -47.85
C GLY C 64 -8.15 32.17 -46.35
N LEU C 65 -9.09 32.69 -45.59
CA LEU C 65 -9.00 32.61 -44.14
C LEU C 65 -9.22 31.18 -43.66
N VAL C 66 -10.32 30.55 -44.07
CA VAL C 66 -10.52 29.14 -43.76
C VAL C 66 -9.36 28.32 -44.29
N ASP C 67 -8.92 28.60 -45.52
CA ASP C 67 -7.86 27.81 -46.12
C ASP C 67 -6.57 27.89 -45.31
N ASP C 68 -6.04 29.09 -45.13
CA ASP C 68 -4.74 29.18 -44.46
C ASP C 68 -4.84 28.81 -42.99
N PHE C 69 -6.00 29.04 -42.36
CA PHE C 69 -6.17 28.49 -41.02
C PHE C 69 -5.97 26.98 -41.04
N GLU C 70 -6.69 26.28 -41.92
CA GLU C 70 -6.53 24.84 -42.00
C GLU C 70 -5.10 24.44 -42.32
N LYS C 71 -4.42 25.19 -43.16
CA LYS C 71 -3.07 24.80 -43.56
C LYS C 71 -2.05 25.02 -42.45
N LYS C 72 -2.01 26.22 -41.87
CA LYS C 72 -1.14 26.45 -40.75
C LYS C 72 -1.44 25.51 -39.59
N PHE C 73 -2.69 25.09 -39.44
CA PHE C 73 -3.00 24.00 -38.53
C PHE C 73 -2.30 22.71 -38.95
N ASN C 74 -2.43 22.34 -40.22
CA ASN C 74 -1.62 21.24 -40.74
C ASN C 74 -0.14 21.52 -40.53
N ALA C 75 0.28 22.77 -40.68
CA ALA C 75 1.66 23.18 -40.50
C ALA C 75 1.99 23.44 -39.03
N LEU C 76 1.13 22.99 -38.13
CA LEU C 76 1.40 23.12 -36.70
C LEU C 76 1.72 21.78 -36.09
N LYS C 77 2.84 21.73 -35.37
CA LYS C 77 3.28 20.51 -34.68
C LYS C 77 3.42 20.87 -33.19
N VAL C 78 2.44 20.47 -32.42
CA VAL C 78 2.42 20.81 -30.99
C VAL C 78 3.62 20.15 -30.32
N PRO C 79 4.36 20.86 -29.46
CA PRO C 79 5.55 20.28 -28.83
C PRO C 79 5.16 19.19 -27.85
N VAL C 80 5.43 17.96 -28.22
CA VAL C 80 5.21 16.83 -27.32
C VAL C 80 6.30 16.89 -26.25
N PRO C 81 5.93 17.12 -24.99
CA PRO C 81 6.95 17.35 -23.97
C PRO C 81 7.67 16.07 -23.60
N GLU C 82 9.01 16.14 -23.56
CA GLU C 82 9.83 15.04 -23.12
C GLU C 82 10.11 15.14 -21.62
N ASP C 83 10.14 13.98 -20.96
CA ASP C 83 10.17 13.95 -19.51
C ASP C 83 11.43 14.56 -18.92
N LYS C 84 12.57 13.93 -19.15
CA LYS C 84 13.80 14.15 -18.39
C LYS C 84 13.61 13.91 -16.90
N TYR C 85 12.50 13.29 -16.50
CA TYR C 85 12.26 13.01 -15.10
C TYR C 85 12.40 11.55 -14.74
N THR C 86 12.23 10.63 -15.68
CA THR C 86 12.15 9.22 -15.35
C THR C 86 13.51 8.59 -15.11
N ALA C 87 14.52 8.95 -15.90
CA ALA C 87 15.82 8.30 -15.77
C ALA C 87 16.37 8.44 -14.36
N GLN C 88 16.21 9.61 -13.75
CA GLN C 88 16.77 9.80 -12.42
C GLN C 88 16.02 8.99 -11.37
N VAL C 89 14.70 8.90 -11.47
CA VAL C 89 14.00 8.05 -10.53
C VAL C 89 14.37 6.59 -10.78
N ASP C 90 14.72 6.23 -12.01
CA ASP C 90 15.21 4.89 -12.27
C ASP C 90 16.52 4.64 -11.56
N ALA C 91 17.43 5.62 -11.61
CA ALA C 91 18.70 5.48 -10.90
C ALA C 91 18.48 5.38 -9.40
N GLU C 92 17.56 6.18 -8.86
CA GLU C 92 17.21 6.09 -7.45
C GLU C 92 16.71 4.70 -7.12
N GLU C 93 15.80 4.18 -7.94
CA GLU C 93 15.35 2.80 -7.81
C GLU C 93 16.52 1.84 -7.79
N LYS C 94 17.49 2.05 -8.68
CA LYS C 94 18.65 1.18 -8.72
C LYS C 94 19.36 1.17 -7.38
N GLU C 95 19.67 2.36 -6.86
CA GLU C 95 20.39 2.42 -5.59
C GLU C 95 19.59 1.76 -4.49
N ASP C 96 18.27 2.00 -4.46
CA ASP C 96 17.45 1.38 -3.44
C ASP C 96 17.49 -0.13 -3.56
N VAL C 97 17.48 -0.65 -4.79
CA VAL C 97 17.57 -2.09 -4.98
C VAL C 97 18.88 -2.61 -4.43
N LYS C 98 19.97 -1.89 -4.66
CA LYS C 98 21.26 -2.33 -4.14
C LYS C 98 21.24 -2.39 -2.62
N SER C 99 20.76 -1.32 -1.99
CA SER C 99 20.71 -1.29 -0.53
C SER C 99 19.83 -2.41 0.01
N CYS C 100 18.68 -2.64 -0.63
CA CYS C 100 17.81 -3.72 -0.20
C CYS C 100 18.48 -5.07 -0.36
N ALA C 101 19.25 -5.25 -1.43
CA ALA C 101 19.95 -6.51 -1.62
C ALA C 101 20.97 -6.76 -0.52
N GLU C 102 21.73 -5.74 -0.15
CA GLU C 102 22.74 -5.96 0.89
C GLU C 102 22.09 -6.17 2.25
N TRP C 103 21.06 -5.39 2.56
CA TRP C 103 20.33 -5.57 3.79
C TRP C 103 19.73 -6.96 3.87
N VAL C 104 19.16 -7.46 2.78
CA VAL C 104 18.49 -8.74 2.83
C VAL C 104 19.51 -9.88 2.92
N SER C 105 20.68 -9.72 2.29
CA SER C 105 21.73 -10.72 2.49
C SER C 105 22.16 -10.78 3.94
N LEU C 106 22.35 -9.62 4.58
CA LEU C 106 22.70 -9.60 5.99
C LEU C 106 21.62 -10.27 6.83
N SER C 107 20.36 -10.00 6.49
CA SER C 107 19.27 -10.61 7.24
C SER C 107 19.26 -12.12 7.05
N LYS C 108 19.53 -12.60 5.84
CA LYS C 108 19.60 -14.05 5.64
C LYS C 108 20.74 -14.67 6.43
N ALA C 109 21.86 -13.96 6.55
CA ALA C 109 22.94 -14.44 7.41
C ALA C 109 22.46 -14.57 8.85
N ARG C 110 21.88 -13.50 9.40
CA ARG C 110 21.34 -13.56 10.75
C ARG C 110 20.33 -14.69 10.87
N ILE C 111 19.57 -14.94 9.81
CA ILE C 111 18.54 -15.96 9.84
C ILE C 111 19.15 -17.34 9.96
N VAL C 112 20.15 -17.64 9.13
CA VAL C 112 20.76 -18.96 9.22
C VAL C 112 21.47 -19.12 10.55
N GLU C 113 21.97 -18.03 11.13
CA GLU C 113 22.61 -18.15 12.43
C GLU C 113 21.59 -18.48 13.50
N TYR C 114 20.47 -17.77 13.52
CA TYR C 114 19.38 -18.12 14.42
C TYR C 114 18.98 -19.57 14.23
N GLU C 115 18.94 -20.02 12.98
CA GLU C 115 18.57 -21.41 12.72
C GLU C 115 19.54 -22.38 13.36
N LYS C 116 20.84 -22.13 13.20
CA LYS C 116 21.83 -23.01 13.80
C LYS C 116 21.70 -23.02 15.31
N GLU C 117 21.48 -21.84 15.90
CA GLU C 117 21.32 -21.76 17.35
C GLU C 117 20.11 -22.55 17.82
N MET C 118 18.97 -22.34 17.17
CA MET C 118 17.78 -23.10 17.49
C MET C 118 18.02 -24.59 17.34
N GLU C 119 18.80 -25.00 16.35
CA GLU C 119 19.04 -26.43 16.19
C GLU C 119 19.90 -26.97 17.32
N LYS C 120 20.90 -26.21 17.75
CA LYS C 120 21.65 -26.60 18.95
C LYS C 120 20.70 -26.82 20.10
N MET C 121 19.89 -25.81 20.42
CA MET C 121 18.92 -25.96 21.50
C MET C 121 17.99 -27.15 21.26
N LYS C 122 17.77 -27.50 20.00
CA LYS C 122 16.89 -28.62 19.68
C LYS C 122 17.56 -29.95 19.94
N ASN C 123 18.89 -30.01 19.87
CA ASN C 123 19.63 -31.25 20.04
C ASN C 123 20.13 -31.40 21.47
N LEU C 124 19.31 -30.95 22.43
CA LEU C 124 19.72 -30.89 23.82
C LEU C 124 19.97 -32.28 24.39
N ILE C 125 20.81 -32.31 25.42
CA ILE C 125 21.09 -33.51 26.20
C ILE C 125 19.89 -33.74 27.11
N PRO C 126 19.43 -34.98 27.29
CA PRO C 126 18.36 -35.21 28.27
C PRO C 126 18.74 -34.59 29.59
N PHE C 127 17.83 -33.76 30.12
CA PHE C 127 18.18 -32.89 31.24
C PHE C 127 18.69 -33.65 32.44
N ASP C 128 18.15 -34.83 32.72
CA ASP C 128 18.59 -35.64 33.83
C ASP C 128 20.06 -36.05 33.73
N GLN C 129 20.64 -36.02 32.53
CA GLN C 129 22.02 -36.43 32.32
C GLN C 129 22.94 -35.23 32.19
N MET C 130 22.41 -34.05 32.45
CA MET C 130 23.07 -32.80 32.10
C MET C 130 23.81 -32.29 33.32
N THR C 131 25.14 -32.14 33.16
CA THR C 131 25.95 -31.54 34.25
C THR C 131 25.65 -30.04 34.27
N ILE C 132 25.85 -29.39 35.41
CA ILE C 132 25.56 -27.97 35.53
C ILE C 132 26.30 -27.18 34.47
N GLU C 133 27.46 -27.65 34.03
CA GLU C 133 28.17 -26.92 32.97
C GLU C 133 27.41 -26.96 31.65
N ASP C 134 26.74 -28.08 31.35
CA ASP C 134 25.98 -28.14 30.12
C ASP C 134 24.71 -27.31 30.21
N LEU C 135 24.09 -27.26 31.38
CA LEU C 135 23.00 -26.31 31.56
C LEU C 135 23.49 -24.88 31.38
N ASN C 136 24.66 -24.58 31.93
CA ASN C 136 25.26 -23.23 31.78
C ASN C 136 25.39 -22.91 30.29
N GLU C 137 26.13 -23.75 29.54
CA GLU C 137 26.35 -23.50 28.13
C GLU C 137 25.05 -23.47 27.35
N ALA C 138 23.99 -24.10 27.85
CA ALA C 138 22.71 -24.04 27.15
C ALA C 138 22.00 -22.72 27.44
N PHE C 139 22.24 -22.12 28.60
CA PHE C 139 21.65 -20.84 28.95
C PHE C 139 22.62 -20.04 29.81
N PRO C 140 23.23 -18.97 29.28
CA PRO C 140 24.06 -18.11 30.13
C PRO C 140 23.29 -17.49 31.27
N GLU C 141 21.96 -17.47 31.21
CA GLU C 141 21.19 -16.93 32.33
C GLU C 141 21.19 -17.86 33.53
N THR C 142 21.72 -19.08 33.39
CA THR C 142 21.89 -19.98 34.51
C THR C 142 23.32 -19.99 35.02
N LYS C 143 24.04 -18.89 34.91
CA LYS C 143 25.44 -18.85 35.28
C LYS C 143 25.64 -17.94 36.48
N LEU C 144 26.13 -18.53 37.57
CA LEU C 144 26.40 -17.75 38.76
C LEU C 144 27.42 -16.67 38.47
N ASP C 145 27.10 -15.44 38.89
CA ASP C 145 27.99 -14.30 38.74
C ASP C 145 29.08 -14.39 39.80
N LYS C 146 30.00 -15.30 39.58
CA LYS C 146 31.08 -15.48 40.55
C LYS C 146 31.98 -14.30 40.65
N LYS C 147 31.80 -13.30 39.79
CA LYS C 147 32.62 -12.10 39.83
C LYS C 147 32.09 -11.13 40.88
N LYS C 148 30.82 -10.72 40.74
CA LYS C 148 30.28 -9.66 41.58
C LYS C 148 30.04 -10.14 43.01
N TYR C 149 29.65 -11.40 43.18
CA TYR C 149 29.52 -12.00 44.50
C TYR C 149 30.54 -13.13 44.59
N PRO C 150 31.76 -12.86 45.03
CA PRO C 150 32.81 -13.87 44.95
C PRO C 150 32.75 -14.94 46.03
N TYR C 151 31.98 -14.74 47.08
CA TYR C 151 31.90 -15.67 48.19
C TYR C 151 30.59 -16.44 48.12
N TRP C 152 30.50 -17.52 48.88
CA TRP C 152 29.32 -18.35 48.80
C TRP C 152 28.10 -17.55 49.27
N PRO C 153 26.92 -17.75 48.68
CA PRO C 153 26.65 -18.59 47.51
C PRO C 153 26.68 -17.82 46.19
N HIS C 154 27.48 -16.76 46.15
CA HIS C 154 27.74 -15.99 44.94
C HIS C 154 26.49 -15.37 44.33
N GLN C 155 25.49 -15.06 45.16
CA GLN C 155 24.26 -14.48 44.66
C GLN C 155 23.51 -13.87 45.84
N PRO C 156 22.51 -13.03 45.58
CA PRO C 156 21.76 -12.45 46.69
C PRO C 156 21.16 -13.53 47.57
N ILE C 157 21.43 -13.42 48.87
CA ILE C 157 20.89 -14.37 49.82
C ILE C 157 19.39 -14.49 49.66
N GLU C 158 18.69 -13.36 49.69
CA GLU C 158 17.24 -13.39 49.57
C GLU C 158 16.78 -13.99 48.26
N ASN C 159 17.63 -13.97 47.23
CA ASN C 159 17.20 -14.50 45.94
C ASN C 159 17.03 -16.03 45.98
N LEU C 160 17.69 -16.69 46.93
CA LEU C 160 17.69 -18.14 47.00
C LEU C 160 16.29 -18.74 46.98
#